data_7X8W
#
_entry.id   7X8W
#
_cell.length_a   1.00
_cell.length_b   1.00
_cell.length_c   1.00
_cell.angle_alpha   90.00
_cell.angle_beta   90.00
_cell.angle_gamma   90.00
#
_symmetry.space_group_name_H-M   'P 1'
#
loop_
_entity.id
_entity.type
_entity.pdbx_description
1 polymer 'Spike glycoprotein'
2 polymer 'Ab354 heavy chain'
3 polymer 'Ab354 light chain'
4 branched 2-acetamido-2-deoxy-beta-D-glucopyranose-(1-4)-2-acetamido-2-deoxy-beta-D-glucopyranose
5 branched alpha-D-mannopyranose-(1-3)-[alpha-D-mannopyranose-(1-6)]beta-D-mannopyranose-(1-4)-2-acetamido-2-deoxy-beta-D-glucopyranose-(1-4)-[alpha-L-fucopyranose-(1-6)]2-acetamido-2-deoxy-beta-D-glucopyranose
#
loop_
_entity_poly.entity_id
_entity_poly.type
_entity_poly.pdbx_seq_one_letter_code
_entity_poly.pdbx_strand_id
1 'polypeptide(L)'
;MFVFLVLLPLVSSQCVNLTTRTQLPPAYTNSFTRGVYYPDKVFRSSVLHSTQDLFLPFFSNVTWFHAIHVSGTNGTKRFD
NPVLPFNDGVYFASTEKSNIIRGWIFGTTLDSKTQSLLIVNNATNVVIKVCEFQFCNDPFLGVYYHKNNKSWMESEFRVY
SSANNCTFEYVSQPFLMDLEGKQGNFKNLREFVFKNIDGYFKIYSKHTPINLVRDLPQGFSALEPLVDLPIGINITRFQT
LLALHRSYLTPGDSSSGWTAGAAAYYVGYLQPRTFLLKYNENGTITDAVDCALDPLSETKCTLKSFTVEKGIYQTSNFRV
QPTESIVRFPNITNLCPFGEVFNATRFASVYAWNRKRISNCVADYSVLYNSASFSTFKCYGVSPTKLNDLCFTNVYADSF
VIRGDEVRQIAPGQTGKIADYNYKLPDDFTGCVIAWNSNNLDSKVGGNYNYLYRLFRKSNLKPFERDISTEIYQAGSTPC
NGVEGFNCYFPLQSYGFQPTNGVGYQPYRVVVLSFELLHAPATVCGPKKSTNLVKNKCVNFNFNGLTGTGVLTESNKKFL
PFQQFGRDIADTTDAVRDPQTLEILDITPCSFGGVSVITPGTNTSNQVAVLYQDVNCTEVPVAIHADQLTPTWRVYSTGS
NVFQTRAGCLIGAEHVNNSYECDIPIGAGICASYQTQTNSPGSASSVASQSIIAYTMSLGAENSVAYSNNSIAIPTNFTI
SVTTEILPVSMTKTSVDCTMYICGDSTECSNLLLQYGSFCTQLNRALTGIAVEQDKNTQEVFAQVKQIYKTPPIKDFGGF
NFSQILPDPSKPSKRSPIEDLLFNKVTLADAGFIKQYGDCLGDIAARDLICAQKFNGLTVLPPLLTDEMIAQYTSALLAG
TITSGWTFGAGPALQIPFPMQMAYRFNGIGVTQNVLYENQKLIANQFNSAIGKIQDSLSSTPSALGKLQDVVNQNAQALN
TLVKQLSSNFGAISSVLNDILSRLDPPEAEVQIDRLITGRLQSLQTYVTQQLIRAAEIRASANLAATKMSECVLGQSKRV
DFCGKGYHLMSFPQSAPHGVVFLHVTYVPAQEKNFTTAPAICHDGKAHFPREGVFVSNGTHWFVTQRNFYEPQIITTDNT
FVSGNCDVVIGIVNNTVYDPLQPELDSFKEELDKYFKNHTSPDVDLGDISGINASVVNIQKEIDRLNEVAKNLNESLIDL
QELGKYEQAAAGSGYIPEAPRDGQAYVRKDGEWVLLSTFLGSSGRENLYFQGGGGSGLNDIFEAQKIEWHEGHHHHHH
;
A
2 'polypeptide(L)'
;MDPKGSLSWRILLFLSLAFELSYGLEQVQLVQSGAEVKKPGASVTVSCKASGFLFTGYYMHWVRQAPGQGLEWMGWINPN
SGASNYTRKFQGRVTMTRDTSISATYMKLSRLTSDDTAVYYCARDLAFSMVRGALDYWGQGTLVTVSSASTKGPSVFPLA
PSSKSTSGGTAALGCLVKDYFPEPVTVSWNSGALTSGVHTFPAVLQSSGLYSLSSVVTVPSSSLGTQTYICNVNHKPSNT
KVDKKVEPKSCENLYFQGHHHHHH
;
H
3 'polypeptide(L)'
;MDPKGSLSWRILLFLSLAFELSYGLEQLVLTQPPSASGSPGQSVTISCTGTSSDVGGYNYVSWYQHHPGKAPKLMIYEVS
KRPSGVPDRFSGSKSGNTASLTVSGLQAEDEADYYCNSYAGNNNWVFGTGTKVTVLGQPKANPTVTLFPPSSEELQANKA
TLVCLISDFYPGAVTVAWKADSSPVKAGVETTTPSKQSNNKYAASSYLSLTPEQWKSHRSYSCQVTHEGSTVEKTVAPTE
CS
;
L
#
# COMPACT_ATOMS: atom_id res chain seq x y z
N ILE A 332 -5.30 -43.25 29.41
CA ILE A 332 -4.48 -42.40 28.56
C ILE A 332 -3.76 -41.36 29.40
N THR A 333 -2.56 -40.97 28.97
CA THR A 333 -1.74 -40.03 29.73
C THR A 333 -1.06 -38.97 28.87
N ASN A 334 -1.30 -38.95 27.56
CA ASN A 334 -0.69 -37.93 26.72
C ASN A 334 -1.20 -36.55 27.10
N LEU A 335 -0.30 -35.56 27.05
CA LEU A 335 -0.65 -34.18 27.30
C LEU A 335 -0.80 -33.45 25.97
N CYS A 336 -1.93 -32.76 25.80
CA CYS A 336 -2.22 -32.13 24.53
C CYS A 336 -1.19 -31.04 24.24
N PRO A 337 -0.69 -30.94 23.00
CA PRO A 337 0.43 -30.02 22.72
C PRO A 337 -0.03 -28.57 22.53
N PHE A 338 -0.50 -27.95 23.60
CA PHE A 338 -0.81 -26.54 23.56
C PHE A 338 0.44 -25.68 23.48
N GLY A 339 1.57 -26.17 23.99
CA GLY A 339 2.80 -25.41 23.92
C GLY A 339 3.25 -25.13 22.50
N GLU A 340 3.04 -26.10 21.60
CA GLU A 340 3.46 -25.90 20.22
C GLU A 340 2.67 -24.82 19.51
N VAL A 341 1.52 -24.41 20.05
CA VAL A 341 0.69 -23.41 19.43
C VAL A 341 0.59 -22.12 20.26
N PHE A 342 0.70 -22.22 21.59
CA PHE A 342 0.60 -21.04 22.44
C PHE A 342 1.95 -20.39 22.71
N ASN A 343 3.05 -21.00 22.28
CA ASN A 343 4.38 -20.48 22.56
C ASN A 343 5.30 -20.58 21.34
N ALA A 344 4.73 -20.75 20.15
CA ALA A 344 5.55 -20.81 18.94
C ALA A 344 6.20 -19.46 18.68
N THR A 345 7.35 -19.50 18.01
CA THR A 345 8.08 -18.28 17.71
C THR A 345 7.25 -17.34 16.85
N ARG A 346 6.91 -17.77 15.64
CA ARG A 346 6.09 -17.01 14.72
C ARG A 346 4.84 -17.81 14.40
N PHE A 347 3.67 -17.19 14.54
CA PHE A 347 2.43 -17.94 14.35
C PHE A 347 2.06 -18.08 12.88
N ALA A 348 1.69 -16.98 12.24
CA ALA A 348 1.23 -17.02 10.86
C ALA A 348 0.84 -15.63 10.38
N SER A 349 0.43 -15.54 9.12
CA SER A 349 -0.27 -14.37 8.61
C SER A 349 -1.77 -14.67 8.59
N VAL A 350 -2.58 -13.62 8.70
CA VAL A 350 -4.01 -13.82 8.89
C VAL A 350 -4.60 -14.57 7.71
N TYR A 351 -4.24 -14.17 6.49
CA TYR A 351 -4.83 -14.79 5.30
C TYR A 351 -4.43 -16.25 5.15
N ALA A 352 -3.33 -16.67 5.76
CA ALA A 352 -2.83 -18.03 5.65
C ALA A 352 -2.74 -18.67 7.03
N TRP A 353 -3.76 -18.48 7.84
CA TRP A 353 -3.77 -19.03 9.18
C TRP A 353 -3.65 -20.55 9.12
N ASN A 354 -2.82 -21.10 10.00
CA ASN A 354 -2.60 -22.54 10.06
C ASN A 354 -3.51 -23.16 11.11
N ARG A 355 -3.97 -24.38 10.83
CA ARG A 355 -4.88 -25.10 11.70
C ARG A 355 -4.19 -26.37 12.19
N LYS A 356 -4.32 -26.66 13.47
CA LYS A 356 -3.75 -27.85 14.08
C LYS A 356 -4.85 -28.66 14.73
N ARG A 357 -4.80 -29.98 14.57
CA ARG A 357 -5.83 -30.87 15.07
C ARG A 357 -5.35 -31.52 16.37
N ILE A 358 -6.00 -31.18 17.47
CA ILE A 358 -5.69 -31.76 18.77
C ILE A 358 -6.68 -32.89 19.03
N SER A 359 -6.14 -34.09 19.23
CA SER A 359 -6.95 -35.26 19.52
C SER A 359 -6.07 -36.33 20.16
N ASN A 360 -6.71 -37.28 20.82
CA ASN A 360 -6.02 -38.39 21.49
C ASN A 360 -4.95 -37.86 22.45
N CYS A 361 -5.43 -37.15 23.47
CA CYS A 361 -4.55 -36.52 24.44
C CYS A 361 -5.42 -35.94 25.56
N VAL A 362 -4.76 -35.45 26.60
CA VAL A 362 -5.43 -34.86 27.75
C VAL A 362 -5.00 -33.39 27.83
N ALA A 363 -5.99 -32.50 27.83
CA ALA A 363 -5.75 -31.06 27.83
C ALA A 363 -6.16 -30.48 29.16
N ASP A 364 -5.23 -29.82 29.84
CA ASP A 364 -5.50 -29.12 31.09
C ASP A 364 -5.58 -27.62 30.80
N TYR A 365 -6.72 -27.02 31.10
CA TYR A 365 -6.97 -25.62 30.80
C TYR A 365 -6.62 -24.69 31.95
N SER A 366 -6.08 -25.21 33.05
CA SER A 366 -5.69 -24.35 34.17
C SER A 366 -4.64 -23.33 33.73
N VAL A 367 -3.65 -23.77 32.95
CA VAL A 367 -2.63 -22.86 32.46
C VAL A 367 -3.22 -21.78 31.55
N LEU A 368 -4.37 -22.04 30.94
CA LEU A 368 -4.93 -21.09 29.98
C LEU A 368 -5.69 -19.97 30.68
N TYR A 369 -6.77 -20.31 31.38
CA TYR A 369 -7.65 -19.28 31.93
C TYR A 369 -7.10 -18.67 33.20
N ASN A 370 -5.98 -19.15 33.72
CA ASN A 370 -5.33 -18.58 34.89
C ASN A 370 -3.90 -18.19 34.57
N SER A 371 -3.69 -17.62 33.38
CA SER A 371 -2.38 -17.12 32.99
C SER A 371 -2.20 -15.64 33.30
N ALA A 372 -3.29 -14.90 33.49
CA ALA A 372 -3.23 -13.48 33.83
C ALA A 372 -2.43 -12.69 32.80
N SER A 373 -2.44 -13.16 31.55
CA SER A 373 -1.75 -12.46 30.47
C SER A 373 -2.59 -12.31 29.21
N PHE A 374 -3.67 -13.07 29.05
CA PHE A 374 -4.49 -12.98 27.84
C PHE A 374 -5.44 -11.81 27.97
N SER A 375 -5.34 -10.86 27.03
CA SER A 375 -6.25 -9.71 27.06
C SER A 375 -7.69 -10.13 26.83
N THR A 376 -7.91 -11.06 25.90
CA THR A 376 -9.25 -11.53 25.57
C THR A 376 -9.32 -13.04 25.73
N PHE A 377 -10.34 -13.52 26.43
CA PHE A 377 -10.56 -14.94 26.65
C PHE A 377 -12.03 -15.29 26.45
N LYS A 378 -12.59 -14.84 25.34
CA LYS A 378 -14.04 -14.88 25.16
C LYS A 378 -14.47 -16.27 24.70
N CYS A 379 -15.35 -16.92 25.46
CA CYS A 379 -15.81 -18.26 25.14
C CYS A 379 -17.28 -18.20 24.71
N TYR A 380 -17.59 -18.87 23.60
CA TYR A 380 -18.94 -18.95 23.07
C TYR A 380 -19.44 -20.38 23.15
N GLY A 381 -20.63 -20.57 23.69
CA GLY A 381 -21.25 -21.87 23.76
C GLY A 381 -20.81 -22.72 24.94
N VAL A 382 -19.78 -22.30 25.68
CA VAL A 382 -19.30 -23.02 26.84
C VAL A 382 -18.85 -22.02 27.89
N SER A 383 -18.98 -22.43 29.14
CA SER A 383 -18.55 -21.58 30.24
C SER A 383 -17.02 -21.65 30.35
N PRO A 384 -16.31 -20.52 30.38
CA PRO A 384 -14.85 -20.57 30.35
C PRO A 384 -14.23 -21.08 31.65
N THR A 385 -15.06 -21.41 32.63
CA THR A 385 -14.58 -21.90 33.92
C THR A 385 -14.67 -23.42 34.05
N LYS A 386 -15.72 -24.04 33.51
CA LYS A 386 -15.93 -25.48 33.65
C LYS A 386 -15.61 -26.22 32.35
N LEU A 387 -14.70 -25.69 31.55
CA LEU A 387 -14.39 -26.32 30.27
C LEU A 387 -13.39 -27.46 30.39
N ASN A 388 -12.84 -27.70 31.57
CA ASN A 388 -11.86 -28.77 31.77
C ASN A 388 -12.48 -30.02 32.36
N ASP A 389 -13.82 -30.11 32.42
CA ASP A 389 -14.49 -31.28 32.98
C ASP A 389 -15.42 -31.99 32.00
N LEU A 390 -15.76 -31.37 30.87
CA LEU A 390 -16.57 -32.00 29.84
C LEU A 390 -15.65 -32.41 28.69
N CYS A 391 -15.93 -33.56 28.09
CA CYS A 391 -15.02 -34.17 27.13
C CYS A 391 -15.47 -33.87 25.70
N PHE A 392 -14.51 -33.52 24.86
CA PHE A 392 -14.75 -33.12 23.48
C PHE A 392 -14.27 -34.19 22.53
N THR A 393 -14.90 -34.28 21.35
CA THR A 393 -14.49 -35.30 20.39
C THR A 393 -13.13 -34.95 19.80
N ASN A 394 -12.93 -33.71 19.39
CA ASN A 394 -11.62 -33.23 18.99
C ASN A 394 -11.61 -31.72 19.07
N VAL A 395 -10.42 -31.14 18.97
CA VAL A 395 -10.23 -29.70 19.05
C VAL A 395 -9.45 -29.24 17.83
N TYR A 396 -9.74 -28.03 17.37
CA TYR A 396 -8.99 -27.39 16.30
C TYR A 396 -8.43 -26.08 16.80
N ALA A 397 -7.12 -25.88 16.64
CA ALA A 397 -6.44 -24.67 17.08
C ALA A 397 -6.01 -23.88 15.86
N ASP A 398 -6.46 -22.63 15.78
CA ASP A 398 -6.14 -21.74 14.68
C ASP A 398 -5.36 -20.55 15.21
N SER A 399 -4.40 -20.07 14.44
CA SER A 399 -3.50 -19.00 14.88
C SER A 399 -3.58 -17.80 13.94
N PHE A 400 -3.43 -16.61 14.51
CA PHE A 400 -3.40 -15.38 13.75
C PHE A 400 -2.48 -14.39 14.44
N VAL A 401 -2.00 -13.41 13.67
CA VAL A 401 -1.37 -12.21 14.19
C VAL A 401 -2.08 -11.05 13.52
N ILE A 402 -2.94 -10.36 14.25
CA ILE A 402 -3.79 -9.34 13.66
C ILE A 402 -3.58 -8.01 14.37
N ARG A 403 -4.32 -6.99 13.94
CA ARG A 403 -4.29 -5.70 14.60
C ARG A 403 -5.22 -5.69 15.80
N GLY A 404 -4.81 -5.01 16.87
CA GLY A 404 -5.53 -5.10 18.12
C GLY A 404 -6.98 -4.69 17.98
N ASP A 405 -7.23 -3.54 17.35
CA ASP A 405 -8.60 -3.05 17.22
C ASP A 405 -9.47 -3.97 16.38
N GLU A 406 -8.88 -4.89 15.63
CA GLU A 406 -9.64 -5.83 14.82
C GLU A 406 -9.97 -7.11 15.58
N VAL A 407 -9.53 -7.24 16.82
CA VAL A 407 -9.79 -8.49 17.56
C VAL A 407 -11.28 -8.73 17.70
N ARG A 408 -12.07 -7.66 17.89
CA ARG A 408 -13.51 -7.84 18.04
C ARG A 408 -14.14 -8.45 16.81
N GLN A 409 -13.46 -8.42 15.66
CA GLN A 409 -13.99 -9.01 14.44
C GLN A 409 -13.90 -10.52 14.42
N ILE A 410 -13.26 -11.13 15.42
CA ILE A 410 -13.05 -12.58 15.42
C ILE A 410 -14.18 -13.26 16.19
N ALA A 411 -15.29 -12.55 16.38
CA ALA A 411 -16.43 -13.14 17.05
C ALA A 411 -17.46 -13.62 16.03
N PRO A 412 -18.31 -14.58 16.39
CA PRO A 412 -19.34 -15.03 15.46
C PRO A 412 -20.30 -13.91 15.10
N GLY A 413 -20.72 -13.88 13.83
CA GLY A 413 -21.68 -12.90 13.38
C GLY A 413 -21.04 -11.58 12.98
N GLN A 414 -20.02 -11.16 13.70
CA GLN A 414 -19.35 -9.90 13.41
C GLN A 414 -18.75 -9.92 12.01
N THR A 415 -18.79 -8.78 11.33
CA THR A 415 -18.26 -8.64 9.99
C THR A 415 -17.39 -7.40 9.90
N GLY A 416 -16.44 -7.44 8.99
CA GLY A 416 -15.52 -6.34 8.80
C GLY A 416 -14.54 -6.58 7.66
N LYS A 417 -13.27 -6.26 7.88
CA LYS A 417 -12.26 -6.44 6.85
C LYS A 417 -11.62 -7.82 6.90
N ILE A 418 -11.34 -8.33 8.11
CA ILE A 418 -10.78 -9.67 8.26
C ILE A 418 -11.82 -10.70 8.65
N ALA A 419 -13.01 -10.27 9.07
CA ALA A 419 -14.04 -11.23 9.45
C ALA A 419 -14.70 -11.88 8.24
N ASP A 420 -14.55 -11.30 7.05
CA ASP A 420 -15.20 -11.81 5.86
C ASP A 420 -14.27 -12.05 4.69
N TYR A 421 -13.07 -11.47 4.68
CA TYR A 421 -12.10 -11.73 3.62
C TYR A 421 -10.93 -12.59 4.08
N ASN A 422 -10.71 -12.72 5.39
CA ASN A 422 -9.56 -13.44 5.91
C ASN A 422 -9.94 -14.61 6.78
N TYR A 423 -10.83 -14.42 7.76
CA TYR A 423 -11.22 -15.49 8.67
C TYR A 423 -12.67 -15.30 9.06
N LYS A 424 -13.50 -16.30 8.77
CA LYS A 424 -14.92 -16.26 9.05
C LYS A 424 -15.26 -17.33 10.08
N LEU A 425 -15.94 -16.92 11.14
CA LEU A 425 -16.39 -17.87 12.16
C LEU A 425 -17.86 -18.18 11.95
N PRO A 426 -18.28 -19.44 11.99
CA PRO A 426 -19.70 -19.74 11.78
C PRO A 426 -20.55 -19.17 12.90
N ASP A 427 -21.79 -18.81 12.53
CA ASP A 427 -22.72 -18.28 13.52
C ASP A 427 -23.08 -19.30 14.60
N ASP A 428 -22.81 -20.58 14.36
CA ASP A 428 -23.08 -21.65 15.33
C ASP A 428 -21.80 -22.08 16.03
N PHE A 429 -20.92 -21.13 16.30
CA PHE A 429 -19.63 -21.44 16.91
C PHE A 429 -19.81 -22.00 18.31
N THR A 430 -18.91 -22.91 18.68
CA THR A 430 -18.91 -23.51 20.01
C THR A 430 -17.47 -23.62 20.53
N GLY A 431 -16.70 -22.55 20.36
CA GLY A 431 -15.31 -22.54 20.78
C GLY A 431 -14.95 -21.36 21.64
N CYS A 432 -13.66 -21.05 21.74
CA CYS A 432 -13.17 -19.93 22.53
C CYS A 432 -12.10 -19.18 21.76
N VAL A 433 -12.14 -17.86 21.83
CA VAL A 433 -11.18 -16.99 21.16
C VAL A 433 -10.30 -16.37 22.24
N ILE A 434 -8.99 -16.58 22.11
CA ILE A 434 -8.00 -16.05 23.04
C ILE A 434 -7.10 -15.09 22.28
N ALA A 435 -6.76 -13.98 22.89
CA ALA A 435 -5.93 -12.98 22.21
C ALA A 435 -5.09 -12.24 23.24
N TRP A 436 -3.83 -11.99 22.88
CA TRP A 436 -2.95 -11.25 23.76
C TRP A 436 -1.99 -10.39 22.95
N ASN A 437 -1.67 -9.22 23.49
CA ASN A 437 -0.76 -8.29 22.82
C ASN A 437 0.65 -8.86 22.78
N SER A 438 1.32 -8.70 21.64
CA SER A 438 2.66 -9.21 21.47
C SER A 438 3.52 -8.21 20.70
N ASN A 439 3.45 -6.93 21.08
CA ASN A 439 4.26 -5.94 20.40
C ASN A 439 5.74 -6.10 20.69
N ASN A 440 6.11 -6.94 21.66
CA ASN A 440 7.52 -7.14 22.02
C ASN A 440 8.20 -8.24 21.21
N LEU A 441 7.46 -8.95 20.35
CA LEU A 441 8.05 -10.03 19.58
C LEU A 441 7.72 -9.90 18.09
N ASP A 442 6.60 -9.25 17.78
CA ASP A 442 6.13 -9.10 16.41
C ASP A 442 6.13 -7.65 15.97
N SER A 443 7.19 -6.92 16.29
CA SER A 443 7.31 -5.53 15.89
C SER A 443 8.78 -5.17 15.77
N LYS A 444 9.08 -4.30 14.82
CA LYS A 444 10.44 -3.82 14.59
C LYS A 444 10.44 -2.31 14.49
N VAL A 445 11.54 -1.70 14.93
CA VAL A 445 11.64 -0.24 14.89
C VAL A 445 11.53 0.25 13.45
N GLY A 446 12.22 -0.40 12.52
CA GLY A 446 12.08 -0.05 11.12
C GLY A 446 10.70 -0.35 10.58
N GLY A 447 10.12 -1.48 10.99
CA GLY A 447 8.83 -1.90 10.50
C GLY A 447 8.81 -3.39 10.20
N ASN A 448 7.74 -4.07 10.61
CA ASN A 448 7.60 -5.51 10.41
C ASN A 448 6.64 -5.75 9.26
N TYR A 449 7.16 -5.75 8.04
CA TYR A 449 6.36 -6.03 6.85
C TYR A 449 6.35 -7.52 6.54
N ASN A 450 6.02 -8.33 7.54
CA ASN A 450 6.05 -9.77 7.40
C ASN A 450 4.71 -10.43 7.70
N TYR A 451 3.75 -9.69 8.25
CA TYR A 451 2.41 -10.19 8.49
C TYR A 451 1.46 -9.55 7.49
N LEU A 452 0.65 -10.37 6.83
CA LEU A 452 -0.18 -9.92 5.73
C LEU A 452 -1.64 -10.29 5.99
N TYR A 453 -2.52 -9.58 5.29
CA TYR A 453 -3.94 -9.86 5.31
C TYR A 453 -4.52 -9.55 3.94
N ARG A 454 -5.57 -10.26 3.58
CA ARG A 454 -6.22 -10.07 2.28
C ARG A 454 -7.10 -8.84 2.33
N LEU A 455 -6.92 -7.95 1.36
CA LEU A 455 -7.63 -6.68 1.32
C LEU A 455 -8.76 -6.66 0.31
N PHE A 456 -8.58 -7.30 -0.84
CA PHE A 456 -9.59 -7.33 -1.90
C PHE A 456 -9.98 -8.77 -2.19
N ARG A 457 -11.28 -9.01 -2.33
CA ARG A 457 -11.78 -10.32 -2.71
C ARG A 457 -13.13 -10.16 -3.37
N LYS A 458 -13.43 -11.07 -4.30
CA LYS A 458 -14.67 -10.96 -5.06
C LYS A 458 -15.89 -11.11 -4.17
N SER A 459 -15.86 -12.05 -3.22
CA SER A 459 -17.00 -12.32 -2.38
C SER A 459 -16.54 -12.74 -1.00
N ASN A 460 -17.45 -12.67 -0.04
CA ASN A 460 -17.11 -12.98 1.35
C ASN A 460 -16.73 -14.44 1.51
N LEU A 461 -15.87 -14.70 2.48
CA LEU A 461 -15.43 -16.06 2.75
C LEU A 461 -16.53 -16.87 3.40
N LYS A 462 -16.59 -18.16 3.05
CA LYS A 462 -17.47 -19.06 3.75
C LYS A 462 -16.89 -19.42 5.12
N PRO A 463 -17.72 -19.87 6.05
CA PRO A 463 -17.21 -20.18 7.39
C PRO A 463 -16.09 -21.20 7.33
N PHE A 464 -15.02 -20.94 8.09
CA PHE A 464 -13.87 -21.84 8.18
C PHE A 464 -13.31 -22.15 6.78
N GLU A 465 -12.85 -21.10 6.10
CA GLU A 465 -12.31 -21.23 4.76
C GLU A 465 -10.99 -20.49 4.67
N ARG A 466 -10.02 -21.08 3.98
CA ARG A 466 -8.74 -20.45 3.70
C ARG A 466 -8.69 -19.99 2.25
N ASP A 467 -7.89 -18.96 2.01
CA ASP A 467 -7.73 -18.45 0.64
C ASP A 467 -6.31 -17.89 0.54
N ILE A 468 -5.40 -18.74 0.05
CA ILE A 468 -3.98 -18.36 -0.08
C ILE A 468 -3.63 -17.94 -1.50
N SER A 469 -4.55 -18.05 -2.45
CA SER A 469 -4.27 -17.64 -3.81
C SER A 469 -4.02 -16.14 -3.87
N THR A 470 -3.03 -15.75 -4.67
CA THR A 470 -2.65 -14.35 -4.84
C THR A 470 -3.01 -13.86 -6.25
N GLU A 471 -4.14 -14.33 -6.77
CA GLU A 471 -4.57 -13.89 -8.09
C GLU A 471 -4.91 -12.41 -8.07
N ILE A 472 -4.69 -11.75 -9.20
CA ILE A 472 -4.92 -10.31 -9.30
C ILE A 472 -6.41 -10.03 -9.26
N TYR A 473 -6.81 -9.09 -8.42
CA TYR A 473 -8.21 -8.72 -8.27
C TYR A 473 -8.62 -7.83 -9.44
N GLN A 474 -9.54 -8.33 -10.27
CA GLN A 474 -9.95 -7.64 -11.49
C GLN A 474 -11.10 -6.70 -11.16
N ALA A 475 -10.78 -5.43 -10.92
CA ALA A 475 -11.80 -4.41 -10.73
C ALA A 475 -12.22 -3.83 -12.07
N GLY A 476 -13.25 -2.99 -12.04
CA GLY A 476 -13.72 -2.40 -13.27
C GLY A 476 -14.32 -3.44 -14.21
N SER A 477 -14.11 -3.23 -15.51
CA SER A 477 -14.65 -4.10 -16.54
C SER A 477 -13.59 -4.73 -17.43
N THR A 478 -12.51 -4.02 -17.73
CA THR A 478 -11.48 -4.57 -18.58
C THR A 478 -10.79 -5.75 -17.88
N PRO A 479 -10.64 -6.89 -18.54
CA PRO A 479 -10.01 -8.03 -17.88
C PRO A 479 -8.58 -7.74 -17.47
N CYS A 480 -8.17 -8.31 -16.35
CA CYS A 480 -6.80 -8.25 -15.89
C CYS A 480 -6.15 -9.59 -16.21
N ASN A 481 -5.29 -9.59 -17.23
CA ASN A 481 -4.76 -10.84 -17.78
C ASN A 481 -3.62 -11.42 -16.93
N GLY A 482 -3.50 -10.99 -15.68
CA GLY A 482 -2.46 -11.49 -14.80
C GLY A 482 -1.38 -10.48 -14.46
N VAL A 483 -1.49 -9.26 -14.99
CA VAL A 483 -0.53 -8.19 -14.72
C VAL A 483 -1.24 -7.10 -13.93
N GLU A 484 -0.71 -6.77 -12.78
CA GLU A 484 -1.32 -5.76 -11.93
C GLU A 484 -0.97 -4.36 -12.44
N GLY A 485 -1.83 -3.41 -12.10
CA GLY A 485 -1.64 -2.04 -12.52
C GLY A 485 -2.89 -1.22 -12.31
N PHE A 486 -3.31 -0.48 -13.34
CA PHE A 486 -4.55 0.27 -13.25
C PHE A 486 -5.73 -0.71 -13.25
N ASN A 487 -6.59 -0.58 -12.26
CA ASN A 487 -7.77 -1.44 -12.13
C ASN A 487 -7.39 -2.91 -12.05
N CYS A 488 -6.22 -3.22 -11.48
CA CYS A 488 -5.79 -4.59 -11.21
C CYS A 488 -4.96 -4.55 -9.93
N TYR A 489 -5.61 -4.77 -8.79
CA TYR A 489 -4.96 -4.62 -7.50
C TYR A 489 -4.29 -5.93 -7.07
N PHE A 490 -3.34 -5.79 -6.15
CA PHE A 490 -2.74 -6.95 -5.50
C PHE A 490 -3.54 -7.28 -4.24
N PRO A 491 -4.12 -8.47 -4.13
CA PRO A 491 -5.06 -8.71 -3.02
C PRO A 491 -4.48 -8.53 -1.64
N LEU A 492 -3.22 -8.89 -1.43
CA LEU A 492 -2.64 -8.91 -0.09
C LEU A 492 -2.09 -7.54 0.29
N GLN A 493 -2.07 -7.27 1.59
CA GLN A 493 -1.49 -6.06 2.14
C GLN A 493 -0.78 -6.40 3.44
N SER A 494 0.12 -5.53 3.87
CA SER A 494 0.97 -5.79 5.02
C SER A 494 0.60 -4.85 6.18
N TYR A 495 0.55 -5.43 7.38
CA TYR A 495 0.25 -4.63 8.57
C TYR A 495 1.37 -3.65 8.87
N GLY A 496 2.62 -4.08 8.74
CA GLY A 496 3.74 -3.20 9.01
C GLY A 496 3.73 -2.68 10.44
N PHE A 497 3.90 -3.57 11.40
CA PHE A 497 3.83 -3.18 12.80
C PHE A 497 5.06 -2.39 13.21
N GLN A 498 4.87 -1.44 14.12
CA GLN A 498 5.93 -0.66 14.70
C GLN A 498 5.70 -0.55 16.19
N PRO A 499 6.78 -0.47 17.00
CA PRO A 499 6.59 -0.38 18.45
C PRO A 499 6.35 1.04 18.93
N THR A 500 5.50 1.77 18.21
CA THR A 500 5.10 3.10 18.64
C THR A 500 3.62 3.38 18.38
N ASN A 501 2.89 2.45 17.78
CA ASN A 501 1.49 2.68 17.48
C ASN A 501 0.66 2.54 18.75
N GLY A 502 -0.58 3.02 18.68
CA GLY A 502 -1.50 2.87 19.78
C GLY A 502 -1.91 1.43 19.98
N VAL A 503 -2.59 1.17 21.09
CA VAL A 503 -3.02 -0.19 21.40
C VAL A 503 -3.90 -0.73 20.29
N GLY A 504 -4.58 0.15 19.56
CA GLY A 504 -5.42 -0.28 18.46
C GLY A 504 -4.67 -0.60 17.19
N TYR A 505 -3.37 -0.34 17.14
CA TYR A 505 -2.56 -0.60 15.96
C TYR A 505 -1.35 -1.46 16.28
N GLN A 506 -1.38 -2.19 17.38
CA GLN A 506 -0.26 -3.03 17.79
C GLN A 506 -0.57 -4.49 17.47
N PRO A 507 0.46 -5.33 17.34
CA PRO A 507 0.22 -6.74 17.04
C PRO A 507 -0.56 -7.41 18.15
N TYR A 508 -1.40 -8.38 17.78
CA TYR A 508 -2.12 -9.19 18.74
C TYR A 508 -2.10 -10.63 18.23
N ARG A 509 -1.60 -11.54 19.05
CA ARG A 509 -1.60 -12.95 18.72
C ARG A 509 -2.92 -13.56 19.16
N VAL A 510 -3.56 -14.29 18.26
CA VAL A 510 -4.91 -14.82 18.47
C VAL A 510 -4.88 -16.32 18.26
N VAL A 511 -5.49 -17.06 19.18
CA VAL A 511 -5.67 -18.49 19.07
C VAL A 511 -7.15 -18.80 19.22
N VAL A 512 -7.71 -19.49 18.24
CA VAL A 512 -9.12 -19.87 18.24
C VAL A 512 -9.20 -21.37 18.44
N LEU A 513 -9.90 -21.79 19.49
CA LEU A 513 -10.07 -23.20 19.82
C LEU A 513 -11.51 -23.58 19.49
N SER A 514 -11.69 -24.35 18.42
CA SER A 514 -13.00 -24.82 18.00
C SER A 514 -13.21 -26.24 18.49
N PHE A 515 -14.28 -26.46 19.23
CA PHE A 515 -14.64 -27.76 19.76
C PHE A 515 -15.69 -28.41 18.85
N GLU A 516 -16.13 -29.61 19.22
CA GLU A 516 -17.26 -30.25 18.57
C GLU A 516 -17.94 -31.16 19.59
N LEU A 517 -19.17 -30.83 19.95
CA LEU A 517 -19.95 -31.63 20.89
C LEU A 517 -20.75 -32.70 20.16
N LEU A 518 -20.06 -33.50 19.35
CA LEU A 518 -20.72 -34.54 18.57
C LEU A 518 -21.05 -35.74 19.47
N HIS A 519 -21.82 -36.66 18.92
CA HIS A 519 -22.22 -37.88 19.62
C HIS A 519 -21.18 -38.99 19.50
N ALA A 520 -20.11 -38.77 18.75
CA ALA A 520 -19.06 -39.76 18.64
C ALA A 520 -18.31 -39.88 19.97
N PRO A 521 -17.63 -41.00 20.21
CA PRO A 521 -16.97 -41.18 21.52
C PRO A 521 -15.79 -40.22 21.67
N ALA A 522 -15.87 -39.38 22.69
CA ALA A 522 -14.85 -38.35 22.88
C ALA A 522 -13.49 -38.99 23.18
N THR A 523 -12.43 -38.27 22.81
CA THR A 523 -11.07 -38.77 23.01
C THR A 523 -10.11 -37.75 23.59
N VAL A 524 -10.45 -36.46 23.64
CA VAL A 524 -9.57 -35.43 24.16
C VAL A 524 -10.31 -34.67 25.25
N CYS A 525 -9.72 -34.61 26.45
CA CYS A 525 -10.29 -33.82 27.53
C CYS A 525 -9.38 -33.88 28.75
N GLY A 526 -9.65 -33.00 29.71
CA GLY A 526 -8.76 -32.79 30.82
C GLY A 526 -8.84 -33.88 31.85
N PRO A 527 -7.94 -33.82 32.83
CA PRO A 527 -7.88 -34.88 33.84
C PRO A 527 -9.11 -34.86 34.73
N LYS A 528 -9.68 -36.03 34.96
CA LYS A 528 -10.86 -36.19 35.80
C LYS A 528 -10.58 -37.06 37.01
N LYS A 529 -10.03 -38.25 36.82
CA LYS A 529 -9.67 -39.13 37.93
C LYS A 529 -8.67 -40.18 37.49
N GLN B 27 5.83 12.84 10.23
CA GLN B 27 5.58 13.16 8.80
C GLN B 27 6.42 12.26 7.90
N VAL B 28 5.98 12.10 6.65
CA VAL B 28 6.66 11.22 5.71
C VAL B 28 7.95 11.88 5.28
N GLN B 29 8.86 11.09 4.68
CA GLN B 29 10.13 11.61 4.22
C GLN B 29 10.72 10.62 3.24
N LEU B 30 11.04 11.09 2.03
CA LEU B 30 11.74 10.31 1.03
C LEU B 30 13.09 10.95 0.78
N VAL B 31 14.15 10.14 0.89
CA VAL B 31 15.52 10.62 0.73
C VAL B 31 16.16 9.84 -0.40
N GLN B 32 16.77 10.56 -1.35
CA GLN B 32 17.39 9.96 -2.51
C GLN B 32 18.90 9.95 -2.36
N SER B 33 19.55 9.21 -3.26
CA SER B 33 21.00 9.13 -3.27
C SER B 33 21.60 10.42 -3.83
N GLY B 34 22.88 10.62 -3.55
CA GLY B 34 23.56 11.83 -3.96
C GLY B 34 23.74 11.89 -5.47
N ALA B 35 24.15 13.08 -5.92
CA ALA B 35 24.38 13.29 -7.34
C ALA B 35 25.48 12.37 -7.84
N GLU B 36 25.34 11.91 -9.09
CA GLU B 36 26.27 10.95 -9.67
C GLU B 36 26.69 11.41 -11.05
N VAL B 37 27.92 11.06 -11.42
CA VAL B 37 28.46 11.29 -12.75
C VAL B 37 28.96 9.95 -13.27
N LYS B 38 28.51 9.58 -14.47
CA LYS B 38 28.88 8.30 -15.06
C LYS B 38 29.31 8.51 -16.50
N LYS B 39 30.27 7.70 -16.93
CA LYS B 39 30.71 7.75 -18.32
C LYS B 39 29.62 7.17 -19.23
N PRO B 40 29.57 7.59 -20.49
CA PRO B 40 28.59 7.01 -21.42
C PRO B 40 28.76 5.50 -21.50
N GLY B 41 27.62 4.80 -21.58
CA GLY B 41 27.64 3.36 -21.60
C GLY B 41 28.00 2.77 -20.25
N ALA B 42 27.16 3.02 -19.26
CA ALA B 42 27.37 2.54 -17.91
C ALA B 42 26.02 2.27 -17.28
N SER B 43 25.98 2.15 -15.96
CA SER B 43 24.74 1.94 -15.23
C SER B 43 24.68 2.87 -14.03
N VAL B 44 23.50 3.42 -13.77
CA VAL B 44 23.26 4.27 -12.62
C VAL B 44 22.20 3.62 -11.75
N THR B 45 22.49 3.49 -10.47
CA THR B 45 21.56 2.94 -9.49
C THR B 45 21.21 4.04 -8.51
N VAL B 46 19.97 4.52 -8.57
CA VAL B 46 19.50 5.59 -7.70
C VAL B 46 18.50 5.01 -6.72
N SER B 47 18.66 5.35 -5.44
CA SER B 47 17.89 4.77 -4.36
C SER B 47 16.95 5.82 -3.77
N CYS B 48 15.85 5.35 -3.19
CA CYS B 48 14.86 6.20 -2.56
C CYS B 48 14.42 5.50 -1.26
N LYS B 49 14.84 6.04 -0.13
CA LYS B 49 14.50 5.50 1.18
C LYS B 49 13.31 6.27 1.75
N ALA B 50 12.29 5.54 2.17
CA ALA B 50 11.05 6.12 2.66
C ALA B 50 10.91 5.87 4.16
N SER B 51 10.41 6.87 4.87
CA SER B 51 10.21 6.75 6.30
C SER B 51 8.99 7.56 6.71
N GLY B 52 8.37 7.16 7.82
CA GLY B 52 7.25 7.89 8.36
C GLY B 52 5.88 7.41 7.92
N PHE B 53 5.81 6.32 7.16
CA PHE B 53 4.52 5.80 6.72
C PHE B 53 4.68 4.33 6.37
N LEU B 54 3.55 3.66 6.14
CA LEU B 54 3.55 2.26 5.78
C LEU B 54 4.23 2.10 4.42
N PHE B 55 5.43 1.53 4.42
CA PHE B 55 6.21 1.47 3.18
C PHE B 55 5.48 0.73 2.09
N THR B 56 4.92 -0.44 2.41
CA THR B 56 4.18 -1.22 1.43
C THR B 56 2.70 -0.87 1.53
N GLY B 57 2.14 -0.37 0.44
CA GLY B 57 0.77 0.08 0.45
C GLY B 57 0.54 1.30 -0.40
N TYR B 58 1.63 1.96 -0.80
CA TYR B 58 1.58 3.10 -1.69
C TYR B 58 2.54 2.85 -2.84
N TYR B 59 2.02 2.77 -4.05
CA TYR B 59 2.87 2.55 -5.21
C TYR B 59 3.81 3.73 -5.38
N MET B 60 5.00 3.46 -5.91
CA MET B 60 6.01 4.47 -6.15
C MET B 60 6.14 4.72 -7.64
N HIS B 61 6.41 5.97 -8.00
CA HIS B 61 6.59 6.37 -9.39
C HIS B 61 7.95 7.02 -9.54
N TRP B 62 8.59 6.79 -10.68
CA TRP B 62 9.89 7.37 -10.98
C TRP B 62 9.72 8.29 -12.18
N VAL B 63 10.11 9.56 -11.99
CA VAL B 63 9.94 10.61 -12.97
C VAL B 63 11.29 11.26 -13.24
N ARG B 64 11.43 11.85 -14.43
CA ARG B 64 12.68 12.44 -14.86
C ARG B 64 12.45 13.84 -15.39
N GLN B 65 13.43 14.72 -15.19
CA GLN B 65 13.40 16.06 -15.76
C GLN B 65 14.78 16.39 -16.29
N ALA B 66 14.91 16.46 -17.60
CA ALA B 66 16.17 16.85 -18.22
C ALA B 66 16.32 18.37 -18.18
N PRO B 67 17.55 18.87 -18.30
CA PRO B 67 17.74 20.33 -18.25
C PRO B 67 16.93 21.07 -19.29
N GLY B 68 15.99 21.89 -18.84
CA GLY B 68 15.18 22.68 -19.76
C GLY B 68 14.36 21.84 -20.72
N GLN B 69 13.70 20.79 -20.21
CA GLN B 69 12.88 19.93 -21.06
C GLN B 69 11.55 19.55 -20.44
N GLY B 70 11.25 19.97 -19.22
CA GLY B 70 10.01 19.63 -18.58
C GLY B 70 10.01 18.22 -18.01
N LEU B 71 8.96 17.91 -17.27
CA LEU B 71 8.89 16.63 -16.60
C LEU B 71 8.69 15.50 -17.62
N GLU B 72 9.01 14.29 -17.20
CA GLU B 72 8.87 13.12 -18.06
C GLU B 72 8.67 11.90 -17.16
N TRP B 73 7.50 11.28 -17.26
CA TRP B 73 7.19 10.11 -16.45
C TRP B 73 7.95 8.90 -16.97
N MET B 74 8.79 8.30 -16.13
CA MET B 74 9.57 7.15 -16.55
C MET B 74 8.84 5.83 -16.27
N GLY B 75 8.56 5.55 -15.00
CA GLY B 75 8.08 4.22 -14.66
C GLY B 75 7.33 4.16 -13.34
N TRP B 76 6.89 2.95 -13.01
CA TRP B 76 6.00 2.72 -11.88
C TRP B 76 6.36 1.40 -11.22
N ILE B 77 6.57 1.41 -9.92
CA ILE B 77 6.97 0.21 -9.18
C ILE B 77 6.07 0.05 -7.97
N ASN B 78 5.69 -1.20 -7.69
CA ASN B 78 4.89 -1.51 -6.51
C ASN B 78 5.81 -1.96 -5.39
N PRO B 79 5.91 -1.23 -4.28
CA PRO B 79 6.83 -1.66 -3.21
C PRO B 79 6.31 -2.80 -2.35
N ASN B 80 5.14 -3.34 -2.66
CA ASN B 80 4.56 -4.44 -1.90
C ASN B 80 4.79 -5.79 -2.57
N SER B 81 4.33 -5.94 -3.82
CA SER B 81 4.45 -7.19 -4.55
C SER B 81 5.67 -7.23 -5.46
N GLY B 82 6.38 -6.12 -5.64
CA GLY B 82 7.54 -6.08 -6.50
C GLY B 82 7.22 -5.93 -7.96
N ALA B 83 5.95 -5.86 -8.34
CA ALA B 83 5.59 -5.68 -9.74
C ALA B 83 5.90 -4.25 -10.18
N SER B 84 6.10 -4.08 -11.49
CA SER B 84 6.45 -2.78 -12.03
C SER B 84 6.07 -2.74 -13.50
N ASN B 85 6.01 -1.52 -14.04
CA ASN B 85 5.76 -1.31 -15.45
C ASN B 85 6.33 0.02 -15.89
N TYR B 86 6.75 0.07 -17.14
CA TYR B 86 7.48 1.21 -17.70
C TYR B 86 6.75 1.72 -18.94
N THR B 87 7.31 2.77 -19.53
CA THR B 87 6.87 3.23 -20.83
C THR B 87 7.69 2.55 -21.92
N ARG B 88 7.10 2.45 -23.11
CA ARG B 88 7.81 1.82 -24.22
C ARG B 88 9.15 2.48 -24.50
N LYS B 89 9.29 3.76 -24.15
CA LYS B 89 10.55 4.46 -24.40
C LYS B 89 11.71 3.82 -23.64
N PHE B 90 11.47 3.45 -22.38
CA PHE B 90 12.51 2.94 -21.51
C PHE B 90 12.54 1.42 -21.44
N GLN B 91 11.68 0.74 -22.20
CA GLN B 91 11.61 -0.72 -22.12
C GLN B 91 12.96 -1.34 -22.44
N GLY B 92 13.39 -2.27 -21.60
CA GLY B 92 14.65 -2.96 -21.80
C GLY B 92 15.88 -2.24 -21.31
N ARG B 93 15.73 -1.07 -20.71
CA ARG B 93 16.85 -0.31 -20.18
C ARG B 93 16.79 -0.03 -18.69
N VAL B 94 15.60 -0.01 -18.10
CA VAL B 94 15.41 0.39 -16.71
C VAL B 94 14.80 -0.77 -15.95
N THR B 95 15.35 -1.05 -14.76
CA THR B 95 14.83 -2.10 -13.89
C THR B 95 14.66 -1.53 -12.49
N MET B 96 13.50 -1.73 -11.90
CA MET B 96 13.20 -1.24 -10.56
C MET B 96 13.07 -2.42 -9.60
N THR B 97 13.54 -2.21 -8.38
CA THR B 97 13.55 -3.24 -7.35
C THR B 97 13.12 -2.62 -6.03
N ARG B 98 12.63 -3.47 -5.14
CA ARG B 98 12.24 -3.06 -3.80
C ARG B 98 13.11 -3.80 -2.78
N ASP B 99 13.22 -3.21 -1.59
CA ASP B 99 13.89 -3.88 -0.47
C ASP B 99 13.10 -3.48 0.78
N THR B 100 12.14 -4.33 1.15
CA THR B 100 11.29 -4.04 2.30
C THR B 100 12.03 -4.19 3.63
N SER B 101 13.16 -4.88 3.64
CA SER B 101 13.91 -5.03 4.88
C SER B 101 14.39 -3.68 5.40
N ILE B 102 14.89 -2.82 4.51
CA ILE B 102 15.30 -1.47 4.87
C ILE B 102 14.35 -0.42 4.32
N SER B 103 13.24 -0.83 3.70
CA SER B 103 12.24 0.09 3.17
C SER B 103 12.88 1.06 2.17
N ALA B 104 13.36 0.49 1.07
CA ALA B 104 14.03 1.25 0.03
C ALA B 104 13.52 0.82 -1.34
N THR B 105 13.59 1.74 -2.30
CA THR B 105 13.23 1.46 -3.68
C THR B 105 14.40 1.85 -4.57
N TYR B 106 14.89 0.91 -5.37
CA TYR B 106 16.06 1.12 -6.21
C TYR B 106 15.63 1.16 -7.67
N MET B 107 16.29 2.03 -8.44
CA MET B 107 16.05 2.13 -9.88
C MET B 107 17.40 2.06 -10.58
N LYS B 108 17.53 1.16 -11.55
CA LYS B 108 18.78 0.96 -12.28
C LYS B 108 18.54 1.28 -13.75
N LEU B 109 19.26 2.27 -14.26
CA LEU B 109 19.20 2.65 -15.66
C LEU B 109 20.53 2.29 -16.30
N SER B 110 20.48 1.47 -17.35
CA SER B 110 21.67 0.94 -17.99
C SER B 110 21.81 1.49 -19.40
N ARG B 111 23.02 1.35 -19.95
CA ARG B 111 23.33 1.81 -21.29
C ARG B 111 22.96 3.29 -21.46
N LEU B 112 23.63 4.12 -20.68
CA LEU B 112 23.35 5.54 -20.68
C LEU B 112 23.81 6.18 -21.99
N THR B 113 23.28 7.37 -22.25
CA THR B 113 23.65 8.15 -23.42
C THR B 113 23.58 9.63 -23.05
N SER B 114 24.30 10.45 -23.82
CA SER B 114 24.40 11.87 -23.51
C SER B 114 23.03 12.52 -23.30
N ASP B 115 21.97 11.93 -23.82
CA ASP B 115 20.62 12.46 -23.68
C ASP B 115 19.90 11.91 -22.45
N ASP B 116 20.64 11.50 -21.42
CA ASP B 116 20.05 10.99 -20.20
C ASP B 116 20.39 11.79 -18.95
N THR B 117 21.36 12.70 -19.02
CA THR B 117 21.65 13.56 -17.89
C THR B 117 20.40 14.33 -17.51
N ALA B 118 20.02 14.25 -16.23
CA ALA B 118 18.76 14.84 -15.81
C ALA B 118 18.70 14.80 -14.28
N VAL B 119 17.53 15.13 -13.73
CA VAL B 119 17.23 14.98 -12.32
C VAL B 119 16.12 13.95 -12.20
N TYR B 120 16.33 12.94 -11.37
CA TYR B 120 15.37 11.86 -11.18
C TYR B 120 14.68 12.02 -9.84
N TYR B 121 13.36 11.89 -9.85
CA TYR B 121 12.53 12.03 -8.66
C TYR B 121 11.78 10.73 -8.40
N CYS B 122 11.75 10.32 -7.13
CA CYS B 122 10.89 9.25 -6.67
C CYS B 122 9.71 9.86 -5.94
N ALA B 123 8.51 9.48 -6.35
CA ALA B 123 7.28 10.05 -5.81
C ALA B 123 6.39 8.93 -5.28
N ARG B 124 5.63 9.25 -4.25
CA ARG B 124 4.73 8.30 -3.61
C ARG B 124 3.31 8.56 -4.10
N ASP B 125 2.64 7.50 -4.52
CA ASP B 125 1.26 7.62 -4.96
C ASP B 125 0.38 8.11 -3.81
N LEU B 126 -0.83 8.54 -4.16
CA LEU B 126 -1.77 9.03 -3.16
C LEU B 126 -2.70 7.93 -2.64
N ALA B 127 -3.21 7.09 -3.54
CA ALA B 127 -4.16 6.07 -3.14
C ALA B 127 -3.47 4.99 -2.32
N PHE B 128 -4.28 4.25 -1.55
CA PHE B 128 -3.79 3.20 -0.68
C PHE B 128 -3.96 1.85 -1.37
N SER B 129 -2.86 1.15 -1.59
CA SER B 129 -2.83 -0.17 -2.19
C SER B 129 -3.30 -0.16 -3.65
N MET B 130 -3.42 1.01 -4.26
CA MET B 130 -3.82 1.13 -5.65
C MET B 130 -2.94 2.17 -6.32
N VAL B 131 -2.89 2.11 -7.65
CA VAL B 131 -2.11 3.04 -8.46
C VAL B 131 -3.08 3.95 -9.19
N ARG B 132 -2.90 5.26 -9.04
CA ARG B 132 -3.78 6.24 -9.66
C ARG B 132 -3.06 7.41 -10.28
N GLY B 133 -1.77 7.63 -10.00
CA GLY B 133 -1.03 8.68 -10.65
C GLY B 133 -1.03 10.00 -9.92
N ALA B 134 -1.50 10.06 -8.68
CA ALA B 134 -1.47 11.27 -7.88
C ALA B 134 -0.20 11.26 -7.04
N LEU B 135 0.78 12.06 -7.45
CA LEU B 135 2.10 12.05 -6.84
C LEU B 135 2.18 13.18 -5.81
N ASP B 136 1.59 12.92 -4.65
CA ASP B 136 1.48 13.97 -3.63
C ASP B 136 2.82 14.25 -2.97
N TYR B 137 3.58 13.21 -2.64
CA TYR B 137 4.83 13.34 -1.91
C TYR B 137 5.99 13.03 -2.84
N TRP B 138 7.03 13.86 -2.80
CA TRP B 138 8.15 13.75 -3.71
C TRP B 138 9.46 13.70 -2.93
N GLY B 139 10.47 13.11 -3.57
CA GLY B 139 11.80 13.07 -3.00
C GLY B 139 12.48 14.41 -3.09
N GLN B 140 13.81 14.39 -3.12
CA GLN B 140 14.60 15.61 -3.25
C GLN B 140 15.23 15.79 -4.61
N GLY B 141 15.27 14.75 -5.43
CA GLY B 141 15.82 14.86 -6.77
C GLY B 141 17.30 14.55 -6.81
N THR B 142 17.67 13.51 -7.57
CA THR B 142 19.07 13.10 -7.72
C THR B 142 19.54 13.53 -9.10
N LEU B 143 20.64 14.27 -9.14
CA LEU B 143 21.18 14.77 -10.40
C LEU B 143 22.18 13.75 -10.95
N VAL B 144 21.86 13.19 -12.11
CA VAL B 144 22.73 12.23 -12.78
C VAL B 144 23.25 12.87 -14.06
N THR B 145 24.56 12.87 -14.23
CA THR B 145 25.21 13.50 -15.37
C THR B 145 26.07 12.46 -16.09
N VAL B 146 25.90 12.36 -17.40
CA VAL B 146 26.68 11.47 -18.24
C VAL B 146 27.47 12.30 -19.23
N SER B 147 28.79 12.14 -19.22
CA SER B 147 29.66 12.88 -20.13
C SER B 147 31.00 12.16 -20.19
N SER B 148 31.76 12.50 -21.23
CA SER B 148 33.07 11.91 -21.44
C SER B 148 34.18 12.63 -20.68
N ALA B 149 33.85 13.72 -20.00
CA ALA B 149 34.86 14.47 -19.26
C ALA B 149 35.14 13.80 -17.92
N SER B 150 36.08 14.38 -17.16
CA SER B 150 36.48 13.81 -15.88
C SER B 150 35.37 13.95 -14.84
N GLN C 27 5.33 8.52 -29.81
CA GLN C 27 4.85 8.45 -28.41
C GLN C 27 3.83 9.55 -28.14
N LEU C 28 2.85 9.25 -27.29
CA LEU C 28 1.77 10.18 -27.01
C LEU C 28 2.30 11.40 -26.28
N VAL C 29 1.65 12.54 -26.50
CA VAL C 29 2.04 13.80 -25.88
C VAL C 29 0.78 14.61 -25.61
N LEU C 30 0.77 15.31 -24.48
CA LEU C 30 -0.33 16.19 -24.11
C LEU C 30 0.09 17.63 -24.36
N THR C 31 -0.70 18.36 -25.15
CA THR C 31 -0.34 19.70 -25.56
C THR C 31 -0.82 20.73 -24.53
N GLN C 32 0.04 21.69 -24.23
CA GLN C 32 -0.28 22.82 -23.38
C GLN C 32 0.24 24.10 -24.02
N PRO C 33 -0.38 25.24 -23.72
CA PRO C 33 0.10 26.49 -24.30
C PRO C 33 1.51 26.77 -23.82
N PRO C 34 2.33 27.41 -24.67
CA PRO C 34 3.72 27.69 -24.26
C PRO C 34 3.82 28.52 -23.00
N SER C 35 2.91 29.47 -22.79
CA SER C 35 3.00 30.35 -21.63
C SER C 35 1.64 30.97 -21.35
N ALA C 36 1.49 31.48 -20.13
CA ALA C 36 0.30 32.20 -19.72
C ALA C 36 0.71 33.31 -18.75
N SER C 37 -0.14 34.34 -18.66
CA SER C 37 0.21 35.50 -17.88
C SER C 37 -1.05 36.13 -17.29
N GLY C 38 -0.83 36.99 -16.30
CA GLY C 38 -1.92 37.70 -15.65
C GLY C 38 -1.43 38.68 -14.59
N SER C 39 -2.06 39.84 -14.53
CA SER C 39 -1.72 40.81 -13.49
C SER C 39 -2.11 40.29 -12.12
N PRO C 40 -1.44 40.74 -11.06
CA PRO C 40 -1.77 40.26 -9.71
C PRO C 40 -3.21 40.62 -9.34
N GLY C 41 -3.98 39.59 -9.01
CA GLY C 41 -5.34 39.79 -8.53
C GLY C 41 -6.40 39.10 -9.36
N GLN C 42 -6.28 39.14 -10.68
CA GLN C 42 -7.30 38.54 -11.54
C GLN C 42 -7.03 37.04 -11.65
N SER C 43 -7.80 36.35 -12.48
CA SER C 43 -7.70 34.91 -12.65
C SER C 43 -7.09 34.56 -14.00
N VAL C 44 -6.38 33.44 -14.03
CA VAL C 44 -5.76 32.92 -15.25
C VAL C 44 -6.18 31.47 -15.42
N THR C 45 -6.09 30.99 -16.65
CA THR C 45 -6.50 29.63 -16.99
C THR C 45 -5.41 28.95 -17.81
N ILE C 46 -5.26 27.65 -17.59
CA ILE C 46 -4.31 26.81 -18.30
C ILE C 46 -5.04 25.60 -18.82
N SER C 47 -4.85 25.29 -20.11
CA SER C 47 -5.55 24.21 -20.78
C SER C 47 -4.59 23.09 -21.13
N CYS C 48 -5.06 21.85 -20.96
CA CYS C 48 -4.29 20.64 -21.28
C CYS C 48 -5.14 19.79 -22.19
N THR C 49 -4.71 19.63 -23.43
CA THR C 49 -5.45 18.91 -24.46
C THR C 49 -4.76 17.60 -24.78
N GLY C 50 -5.56 16.54 -24.97
CA GLY C 50 -5.02 15.24 -25.28
C GLY C 50 -6.00 14.40 -26.05
N THR C 51 -5.54 13.24 -26.47
CA THR C 51 -6.38 12.32 -27.22
C THR C 51 -7.48 11.77 -26.33
N SER C 52 -8.57 11.31 -26.96
CA SER C 52 -9.72 10.83 -26.21
C SER C 52 -9.36 9.66 -25.29
N SER C 53 -8.28 8.94 -25.59
CA SER C 53 -7.86 7.83 -24.76
C SER C 53 -7.01 8.27 -23.57
N ASP C 54 -6.60 9.54 -23.52
CA ASP C 54 -5.81 10.07 -22.42
C ASP C 54 -6.64 10.83 -21.41
N VAL C 55 -7.36 11.87 -21.85
CA VAL C 55 -8.12 12.72 -20.97
C VAL C 55 -9.60 12.37 -21.00
N GLY C 56 -10.16 12.22 -22.19
CA GLY C 56 -11.57 11.89 -22.29
C GLY C 56 -11.88 10.50 -21.76
N GLY C 57 -10.97 9.55 -21.96
CA GLY C 57 -11.25 8.18 -21.57
C GLY C 57 -11.41 8.01 -20.07
N TYR C 58 -10.51 8.60 -19.28
CA TYR C 58 -10.48 8.39 -17.85
C TYR C 58 -10.55 9.72 -17.11
N ASN C 59 -11.13 9.69 -15.92
CA ASN C 59 -11.23 10.86 -15.05
C ASN C 59 -10.08 10.91 -14.05
N TYR C 60 -8.84 10.85 -14.57
CA TYR C 60 -7.64 10.95 -13.74
C TYR C 60 -6.70 11.93 -14.43
N VAL C 61 -6.83 13.21 -14.10
CA VAL C 61 -6.04 14.26 -14.69
C VAL C 61 -5.60 15.17 -13.54
N SER C 62 -4.37 14.99 -13.07
CA SER C 62 -3.86 15.78 -11.97
C SER C 62 -3.01 16.93 -12.50
N TRP C 63 -2.88 17.98 -11.68
CA TRP C 63 -2.11 19.16 -12.02
C TRP C 63 -1.07 19.39 -10.93
N TYR C 64 0.18 19.59 -11.35
CA TYR C 64 1.31 19.81 -10.47
C TYR C 64 1.92 21.19 -10.74
N GLN C 65 2.46 21.78 -9.68
CA GLN C 65 3.19 23.04 -9.77
C GLN C 65 4.65 22.79 -9.46
N HIS C 66 5.54 23.34 -10.27
CA HIS C 66 6.97 23.14 -10.15
C HIS C 66 7.66 24.48 -10.03
N HIS C 67 8.39 24.66 -8.97
CA HIS C 67 9.21 25.83 -8.73
C HIS C 67 10.67 25.53 -9.05
N PRO C 68 11.49 26.55 -9.33
CA PRO C 68 12.91 26.29 -9.54
C PRO C 68 13.61 26.02 -8.22
N GLY C 69 14.35 24.92 -8.17
CA GLY C 69 15.08 24.54 -6.98
C GLY C 69 14.28 23.74 -5.96
N LYS C 70 13.05 23.37 -6.28
CA LYS C 70 12.22 22.57 -5.39
C LYS C 70 11.52 21.48 -6.18
N ALA C 71 11.16 20.41 -5.50
CA ALA C 71 10.44 19.33 -6.15
C ALA C 71 9.03 19.78 -6.51
N PRO C 72 8.45 19.27 -7.59
CA PRO C 72 7.09 19.65 -7.94
C PRO C 72 6.12 19.30 -6.84
N LYS C 73 5.10 20.14 -6.68
CA LYS C 73 4.08 19.97 -5.65
C LYS C 73 2.75 19.67 -6.33
N LEU C 74 1.99 18.74 -5.74
CA LEU C 74 0.70 18.35 -6.31
C LEU C 74 -0.33 19.44 -6.02
N MET C 75 -0.75 20.15 -7.07
CA MET C 75 -1.78 21.18 -6.90
C MET C 75 -3.16 20.56 -6.75
N ILE C 76 -3.57 19.73 -7.70
CA ILE C 76 -4.86 19.05 -7.59
C ILE C 76 -4.74 17.66 -8.20
N TYR C 77 -5.60 16.76 -7.73
CA TYR C 77 -5.61 15.40 -8.27
C TYR C 77 -7.02 15.01 -8.70
N GLU C 78 -7.22 13.75 -9.08
CA GLU C 78 -8.44 13.35 -9.76
C GLU C 78 -8.68 14.29 -10.93
N VAL C 79 -9.78 15.04 -10.92
CA VAL C 79 -10.01 16.04 -11.96
C VAL C 79 -10.29 17.39 -11.33
N SER C 80 -10.84 17.38 -10.11
CA SER C 80 -11.15 18.62 -9.42
C SER C 80 -10.81 18.61 -7.94
N LYS C 81 -10.54 17.47 -7.33
CA LYS C 81 -10.28 17.42 -5.91
C LYS C 81 -8.97 18.12 -5.57
N ARG C 82 -8.88 18.64 -4.36
CA ARG C 82 -7.73 19.39 -3.89
C ARG C 82 -7.10 18.71 -2.69
N PRO C 83 -5.80 18.41 -2.71
CA PRO C 83 -5.17 17.84 -1.53
C PRO C 83 -5.09 18.86 -0.41
N SER C 84 -5.07 18.35 0.81
CA SER C 84 -5.02 19.22 1.98
C SER C 84 -3.77 20.10 1.92
N GLY C 85 -3.95 21.39 2.18
CA GLY C 85 -2.85 22.32 2.20
C GLY C 85 -2.96 23.42 1.16
N VAL C 86 -3.38 23.07 -0.05
CA VAL C 86 -3.52 24.04 -1.12
C VAL C 86 -4.75 24.91 -0.84
N PRO C 87 -4.77 26.15 -1.28
CA PRO C 87 -5.92 27.03 -0.99
C PRO C 87 -7.05 26.78 -1.98
N ASP C 88 -8.10 27.60 -1.83
CA ASP C 88 -9.26 27.51 -2.70
C ASP C 88 -9.07 28.21 -4.03
N ARG C 89 -7.93 28.88 -4.23
CA ARG C 89 -7.71 29.62 -5.47
C ARG C 89 -7.70 28.68 -6.67
N PHE C 90 -7.05 27.53 -6.55
CA PHE C 90 -6.90 26.61 -7.67
C PHE C 90 -8.17 25.79 -7.84
N SER C 91 -8.66 25.71 -9.08
CA SER C 91 -9.84 24.92 -9.37
C SER C 91 -9.69 24.26 -10.74
N GLY C 92 -9.87 22.95 -10.80
CA GLY C 92 -9.71 22.19 -12.02
C GLY C 92 -11.02 21.61 -12.49
N SER C 93 -11.14 21.47 -13.81
CA SER C 93 -12.34 20.89 -14.40
C SER C 93 -12.02 20.43 -15.81
N LYS C 94 -12.65 19.33 -16.24
CA LYS C 94 -12.38 18.74 -17.54
C LYS C 94 -13.68 18.71 -18.34
N SER C 95 -13.58 19.02 -19.64
CA SER C 95 -14.70 18.94 -20.55
C SER C 95 -14.24 18.30 -21.85
N GLY C 96 -15.02 17.37 -22.36
CA GLY C 96 -14.67 16.67 -23.57
C GLY C 96 -13.30 16.03 -23.50
N ASN C 97 -12.35 16.53 -24.29
CA ASN C 97 -10.99 16.03 -24.31
C ASN C 97 -9.97 17.03 -23.80
N THR C 98 -10.41 18.04 -23.06
CA THR C 98 -9.52 19.07 -22.56
C THR C 98 -9.76 19.31 -21.07
N ALA C 99 -8.69 19.28 -20.29
CA ALA C 99 -8.74 19.67 -18.89
C ALA C 99 -8.29 21.12 -18.75
N SER C 100 -8.69 21.74 -17.65
CA SER C 100 -8.38 23.15 -17.44
C SER C 100 -8.19 23.40 -15.95
N LEU C 101 -7.18 24.21 -15.64
CA LEU C 101 -6.90 24.65 -14.28
C LEU C 101 -6.99 26.16 -14.24
N THR C 102 -7.81 26.69 -13.33
CA THR C 102 -8.01 28.12 -13.18
C THR C 102 -7.49 28.55 -11.82
N VAL C 103 -6.69 29.61 -11.81
CA VAL C 103 -6.14 30.18 -10.59
C VAL C 103 -6.74 31.57 -10.44
N SER C 104 -7.44 31.78 -9.33
CA SER C 104 -8.05 33.06 -9.02
C SER C 104 -7.26 33.77 -7.93
N GLY C 105 -7.38 35.09 -7.89
CA GLY C 105 -6.62 35.87 -6.92
C GLY C 105 -5.13 35.65 -7.11
N LEU C 106 -4.68 35.73 -8.36
CA LEU C 106 -3.28 35.49 -8.67
C LEU C 106 -2.39 36.44 -7.87
N GLN C 107 -1.35 35.89 -7.25
CA GLN C 107 -0.41 36.67 -6.46
C GLN C 107 1.01 36.36 -6.92
N ALA C 108 1.97 37.13 -6.40
CA ALA C 108 3.33 37.10 -6.91
C ALA C 108 4.04 35.77 -6.69
N GLU C 109 3.52 34.91 -5.83
CA GLU C 109 4.18 33.64 -5.54
C GLU C 109 3.75 32.52 -6.49
N ASP C 110 2.93 32.81 -7.49
CA ASP C 110 2.45 31.80 -8.42
C ASP C 110 3.36 31.61 -9.62
N GLU C 111 4.48 32.33 -9.70
CA GLU C 111 5.42 32.15 -10.79
C GLU C 111 5.99 30.73 -10.70
N ALA C 112 5.66 29.90 -11.69
CA ALA C 112 6.07 28.50 -11.67
C ALA C 112 5.60 27.83 -12.95
N ASP C 113 6.02 26.58 -13.12
CA ASP C 113 5.62 25.79 -14.28
C ASP C 113 4.56 24.79 -13.86
N TYR C 114 3.42 24.81 -14.54
CA TYR C 114 2.30 23.95 -14.22
C TYR C 114 2.21 22.84 -15.26
N TYR C 115 2.13 21.60 -14.78
CA TYR C 115 2.08 20.42 -15.62
C TYR C 115 0.79 19.65 -15.39
N CYS C 116 0.30 19.02 -16.44
CA CYS C 116 -0.87 18.15 -16.36
C CYS C 116 -0.42 16.71 -16.59
N ASN C 117 -0.76 15.83 -15.65
CA ASN C 117 -0.43 14.42 -15.71
C ASN C 117 -1.72 13.63 -15.89
N SER C 118 -1.76 12.75 -16.88
CA SER C 118 -2.95 11.99 -17.17
C SER C 118 -2.60 10.54 -17.46
N TYR C 119 -3.52 9.65 -17.08
CA TYR C 119 -3.40 8.25 -17.45
C TYR C 119 -3.57 8.10 -18.96
N ALA C 120 -2.73 7.26 -19.57
CA ALA C 120 -2.73 7.10 -21.02
C ALA C 120 -2.98 5.66 -21.44
N GLY C 121 -3.46 4.80 -20.56
CA GLY C 121 -3.71 3.42 -20.89
C GLY C 121 -2.43 2.60 -20.88
N ASN C 122 -2.62 1.28 -20.80
CA ASN C 122 -1.49 0.34 -20.75
C ASN C 122 -0.59 0.63 -19.55
N ASN C 123 -1.19 0.99 -18.43
CA ASN C 123 -0.45 1.22 -17.19
C ASN C 123 0.68 2.23 -17.39
N ASN C 124 0.34 3.36 -18.01
CA ASN C 124 1.31 4.41 -18.26
C ASN C 124 0.67 5.77 -18.05
N TRP C 125 1.39 6.64 -17.36
CA TRP C 125 0.98 8.02 -17.14
C TRP C 125 1.88 8.94 -17.94
N VAL C 126 1.31 10.02 -18.46
CA VAL C 126 2.03 10.95 -19.31
C VAL C 126 1.89 12.35 -18.76
N PHE C 127 3.00 13.08 -18.73
CA PHE C 127 3.04 14.48 -18.33
C PHE C 127 2.84 15.37 -19.55
N GLY C 128 2.29 16.56 -19.32
CA GLY C 128 2.15 17.54 -20.37
C GLY C 128 3.44 18.29 -20.60
N THR C 129 3.39 19.21 -21.57
CA THR C 129 4.55 20.03 -21.88
C THR C 129 4.79 21.11 -20.83
N GLY C 130 3.74 21.55 -20.16
CA GLY C 130 3.89 22.51 -19.08
C GLY C 130 3.72 23.94 -19.54
N THR C 131 3.25 24.78 -18.63
CA THR C 131 3.02 26.19 -18.89
C THR C 131 3.71 27.01 -17.82
N LYS C 132 4.53 27.98 -18.22
CA LYS C 132 5.22 28.86 -17.28
C LYS C 132 4.34 30.07 -17.02
N VAL C 133 3.74 30.14 -15.84
CA VAL C 133 2.81 31.22 -15.51
C VAL C 133 3.60 32.41 -15.01
N THR C 134 3.31 33.58 -15.57
CA THR C 134 4.02 34.82 -15.23
C THR C 134 3.02 35.83 -14.67
N VAL C 135 3.38 36.46 -13.56
CA VAL C 135 2.48 37.40 -12.89
C VAL C 135 2.41 38.74 -13.58
N LEU C 136 3.12 38.92 -14.69
CA LEU C 136 3.11 40.17 -15.43
C LEU C 136 3.59 41.33 -14.56
N GLY C 137 2.66 42.07 -13.96
CA GLY C 137 3.03 43.25 -13.23
C GLY C 137 3.94 42.99 -12.05
N GLN C 138 5.21 43.37 -12.17
CA GLN C 138 6.17 43.28 -11.09
C GLN C 138 6.73 44.66 -10.80
N PRO C 139 6.76 45.09 -9.53
CA PRO C 139 7.29 46.43 -9.24
C PRO C 139 8.80 46.51 -9.36
#